data_6YVP
#
_entry.id   6YVP
#
_cell.length_a   71.649
_cell.length_b   36.531
_cell.length_c   86.887
_cell.angle_alpha   90.000
_cell.angle_beta   103.034
_cell.angle_gamma   90.000
#
_symmetry.space_group_name_H-M   'C 1 2 1'
#
loop_
_entity.id
_entity.type
_entity.pdbx_description
1 polymer 'Histidine triad nucleotide-binding protein 2, mitochondrial'
2 non-polymer "2'-DEOXYGUANOSINE-5'-MONOPHOSPHATE"
3 water water
#
_entity_poly.entity_id   1
_entity_poly.type   'polypeptide(L)'
_entity_poly.pdbx_seq_one_letter_code
;MAAAVVLAAGLRAARRAVAATGVRGGQVRGAAGVTDGNEVAKAQQATPGGAAPTIFSRILDKSLPADILYEDQQCLVFRD
VAPQAPVHFLVIPKKPIPRISQAEEEDQQLLGHLLLVAKQTAKAEGLGDGYRLVINDGKLGAQSVYHLHIHVLGGRQLQW
PPG
;
_entity_poly.pdbx_strand_id   AAA,BBB
#
# COMPACT_ATOMS: atom_id res chain seq x y z
N ALA A 52 8.79 2.04 3.71
CA ALA A 52 8.26 3.43 3.55
C ALA A 52 6.77 3.39 3.22
N PRO A 53 6.33 3.68 1.97
CA PRO A 53 4.90 3.77 1.66
C PRO A 53 4.11 2.51 2.02
N THR A 54 2.89 2.70 2.53
CA THR A 54 1.89 1.65 2.83
C THR A 54 0.57 2.06 2.18
N ILE A 55 -0.44 1.17 2.25
CA ILE A 55 -1.83 1.45 1.82
C ILE A 55 -2.33 2.74 2.48
N PHE A 56 -1.97 2.92 3.75
CA PHE A 56 -2.46 4.00 4.64
C PHE A 56 -1.79 5.33 4.24
N SER A 57 -0.66 5.30 3.55
CA SER A 57 -0.06 6.47 2.86
C SER A 57 -1.08 7.04 1.86
N ARG A 58 -1.75 6.15 1.12
CA ARG A 58 -2.71 6.50 0.03
C ARG A 58 -4.02 7.02 0.64
N ILE A 59 -4.46 6.46 1.76
CA ILE A 59 -5.65 6.96 2.49
C ILE A 59 -5.34 8.32 3.13
N LEU A 60 -4.14 8.48 3.68
CA LEU A 60 -3.70 9.73 4.34
C LEU A 60 -3.68 10.87 3.32
N ASP A 61 -2.90 10.72 2.24
CA ASP A 61 -2.64 11.76 1.21
C ASP A 61 -3.88 11.96 0.32
N LYS A 62 -4.87 11.06 0.45
CA LYS A 62 -6.27 11.18 -0.04
C LYS A 62 -6.41 10.60 -1.46
N SER A 63 -5.31 10.19 -2.10
CA SER A 63 -5.29 9.54 -3.43
C SER A 63 -6.17 8.28 -3.42
N LEU A 64 -6.27 7.59 -2.29
CA LEU A 64 -7.10 6.36 -2.17
C LEU A 64 -8.37 6.69 -1.37
N PRO A 65 -9.55 6.68 -2.05
CA PRO A 65 -10.86 6.81 -1.42
C PRO A 65 -11.03 6.04 -0.10
N ALA A 66 -11.45 6.75 0.96
CA ALA A 66 -11.69 6.18 2.29
C ALA A 66 -12.84 6.91 2.98
N ASP A 67 -13.57 6.20 3.83
CA ASP A 67 -14.68 6.80 4.61
C ASP A 67 -14.10 7.45 5.87
N ILE A 68 -13.97 8.77 5.90
CA ILE A 68 -13.34 9.55 7.01
C ILE A 68 -14.38 10.01 8.03
N LEU A 69 -14.21 9.60 9.30
CA LEU A 69 -15.13 9.94 10.42
C LEU A 69 -14.54 11.08 11.25
N TYR A 70 -13.20 11.26 11.22
CA TYR A 70 -12.49 12.27 12.03
C TYR A 70 -11.07 12.49 11.49
N GLU A 71 -10.53 13.69 11.65
CA GLU A 71 -9.12 14.03 11.31
C GLU A 71 -8.65 15.20 12.18
N ASP A 72 -7.45 15.08 12.75
CA ASP A 72 -6.73 16.18 13.43
C ASP A 72 -5.26 16.13 12.99
N GLN A 73 -4.41 17.00 13.54
CA GLN A 73 -2.99 17.19 13.13
C GLN A 73 -2.15 15.95 13.49
N GLN A 74 -2.66 15.09 14.39
CA GLN A 74 -1.91 13.97 15.01
C GLN A 74 -2.31 12.62 14.40
N CYS A 75 -3.52 12.47 13.85
CA CYS A 75 -4.06 11.13 13.45
C CYS A 75 -5.15 11.23 12.38
N LEU A 76 -5.55 10.06 11.87
CA LEU A 76 -6.73 9.89 10.97
C LEU A 76 -7.64 8.80 11.54
N VAL A 77 -8.94 8.89 11.24
CA VAL A 77 -9.98 7.91 11.64
C VAL A 77 -10.86 7.60 10.43
N PHE A 78 -10.82 6.38 9.92
CA PHE A 78 -11.60 5.98 8.71
C PHE A 78 -12.12 4.56 8.85
N ARG A 79 -13.19 4.26 8.10
CA ARG A 79 -13.87 2.93 8.19
C ARG A 79 -12.96 1.88 7.56
N ASP A 80 -13.12 0.63 7.96
CA ASP A 80 -12.46 -0.54 7.35
C ASP A 80 -13.25 -0.95 6.12
N VAL A 81 -12.56 -1.23 5.00
CA VAL A 81 -13.18 -1.67 3.72
C VAL A 81 -13.65 -3.12 3.88
N ALA A 82 -13.04 -3.87 4.79
CA ALA A 82 -13.44 -5.26 5.12
C ALA A 82 -14.04 -5.29 6.53
N PRO A 83 -15.22 -4.69 6.77
CA PRO A 83 -15.79 -4.59 8.12
C PRO A 83 -16.11 -5.95 8.75
N GLN A 84 -15.55 -6.22 9.93
CA GLN A 84 -15.78 -7.44 10.74
C GLN A 84 -16.91 -7.20 11.75
N ALA A 85 -17.53 -6.02 11.75
CA ALA A 85 -18.68 -5.66 12.62
C ALA A 85 -19.48 -4.54 11.96
N PRO A 86 -20.80 -4.42 12.23
CA PRO A 86 -21.60 -3.33 11.68
C PRO A 86 -20.89 -1.97 11.68
N VAL A 87 -20.15 -1.65 12.74
CA VAL A 87 -19.21 -0.49 12.80
C VAL A 87 -17.79 -1.05 12.98
N HIS A 88 -16.93 -0.89 11.98
CA HIS A 88 -15.48 -1.24 12.03
C HIS A 88 -14.69 -0.10 11.37
N PHE A 89 -14.03 0.75 12.17
CA PHE A 89 -13.19 1.87 11.68
C PHE A 89 -11.78 1.73 12.27
N LEU A 90 -10.83 2.47 11.71
CA LEU A 90 -9.40 2.39 12.08
C LEU A 90 -8.93 3.77 12.56
N VAL A 91 -8.24 3.79 13.69
CA VAL A 91 -7.63 5.01 14.27
C VAL A 91 -6.12 4.94 14.01
N ILE A 92 -5.62 5.70 13.04
CA ILE A 92 -4.19 5.66 12.61
C ILE A 92 -3.55 7.00 12.93
N PRO A 93 -2.27 7.01 13.40
CA PRO A 93 -1.52 8.25 13.58
C PRO A 93 -1.04 8.85 12.24
N LYS A 94 -0.52 10.08 12.29
CA LYS A 94 0.06 10.74 11.09
C LYS A 94 1.57 10.46 11.06
N LYS A 95 2.30 10.65 12.17
CA LYS A 95 3.69 10.11 12.32
C LYS A 95 3.61 8.61 12.01
N PRO A 96 4.29 8.13 10.94
CA PRO A 96 4.03 6.80 10.37
C PRO A 96 4.77 5.66 11.07
N ILE A 97 4.50 5.46 12.36
CA ILE A 97 5.09 4.39 13.21
C ILE A 97 4.66 3.06 12.63
N PRO A 98 5.58 2.12 12.28
CA PRO A 98 5.19 0.91 11.54
C PRO A 98 4.35 -0.08 12.36
N ARG A 99 4.83 -0.42 13.55
CA ARG A 99 4.22 -1.39 14.48
C ARG A 99 4.08 -0.77 15.87
N ILE A 100 3.32 -1.40 16.75
CA ILE A 100 3.17 -0.90 18.16
C ILE A 100 4.46 -1.23 18.95
N SER A 101 5.20 -2.26 18.55
CA SER A 101 6.47 -2.67 19.21
C SER A 101 7.62 -1.75 18.78
N GLN A 102 7.45 -0.98 17.71
CA GLN A 102 8.45 0.01 17.20
C GLN A 102 8.09 1.44 17.66
N ALA A 103 7.25 1.58 18.68
CA ALA A 103 6.91 2.89 19.30
C ALA A 103 7.89 3.19 20.43
N GLU A 104 8.13 4.48 20.72
CA GLU A 104 9.10 4.97 21.72
C GLU A 104 8.42 5.95 22.68
N GLU A 105 9.13 6.39 23.73
CA GLU A 105 8.61 7.29 24.80
C GLU A 105 8.10 8.61 24.21
N GLU A 106 8.69 9.03 23.08
CA GLU A 106 8.31 10.27 22.35
C GLU A 106 6.88 10.15 21.80
N ASP A 107 6.37 8.93 21.64
CA ASP A 107 5.02 8.65 21.10
C ASP A 107 4.00 8.47 22.24
N GLN A 108 4.42 8.62 23.51
CA GLN A 108 3.55 8.36 24.70
C GLN A 108 2.24 9.15 24.54
N GLN A 109 2.32 10.48 24.55
CA GLN A 109 1.14 11.38 24.51
C GLN A 109 0.29 11.07 23.27
N LEU A 110 0.93 10.65 22.17
CA LEU A 110 0.27 10.39 20.86
C LEU A 110 -0.54 9.09 20.92
N LEU A 111 -0.07 8.07 21.65
CA LEU A 111 -0.76 6.75 21.75
C LEU A 111 -2.05 6.89 22.57
N GLY A 112 -1.94 7.54 23.73
CA GLY A 112 -3.11 7.87 24.58
C GLY A 112 -4.14 8.67 23.80
N HIS A 113 -3.69 9.64 23.01
CA HIS A 113 -4.55 10.48 22.14
C HIS A 113 -5.30 9.58 21.15
N LEU A 114 -4.60 8.60 20.57
CA LEU A 114 -5.20 7.64 19.60
C LEU A 114 -6.27 6.85 20.34
N LEU A 115 -6.04 6.50 21.59
CA LEU A 115 -7.02 5.74 22.40
C LEU A 115 -8.22 6.64 22.71
N LEU A 116 -7.99 7.89 23.14
CA LEU A 116 -9.06 8.87 23.47
C LEU A 116 -9.92 9.14 22.23
N VAL A 117 -9.28 9.30 21.07
CA VAL A 117 -9.95 9.55 19.74
C VAL A 117 -10.84 8.34 19.42
N ALA A 118 -10.35 7.13 19.69
CA ALA A 118 -11.06 5.86 19.40
C ALA A 118 -12.36 5.77 20.21
N LYS A 119 -12.34 6.12 21.51
CA LYS A 119 -13.48 5.95 22.44
C LYS A 119 -14.51 7.05 22.19
N GLN A 120 -14.06 8.26 21.82
CA GLN A 120 -14.97 9.40 21.54
C GLN A 120 -15.62 9.15 20.17
N THR A 121 -14.90 8.51 19.24
CA THR A 121 -15.40 8.10 17.91
C THR A 121 -16.36 6.90 18.08
N ALA A 122 -16.16 6.10 19.14
CA ALA A 122 -17.04 4.96 19.49
C ALA A 122 -18.40 5.50 19.93
N LYS A 123 -18.39 6.62 20.65
CA LYS A 123 -19.59 7.30 21.18
C LYS A 123 -20.38 7.90 20.01
N ALA A 124 -19.72 8.69 19.17
CA ALA A 124 -20.30 9.40 18.01
C ALA A 124 -21.08 8.39 17.14
N GLU A 125 -20.55 7.16 16.98
CA GLU A 125 -21.14 6.08 16.15
C GLU A 125 -22.12 5.23 16.97
N GLY A 126 -22.50 5.68 18.17
CA GLY A 126 -23.53 5.05 19.01
C GLY A 126 -23.16 3.62 19.38
N LEU A 127 -22.01 3.45 20.03
CA LEU A 127 -21.55 2.19 20.67
C LEU A 127 -21.50 2.45 22.17
N GLY A 128 -22.68 2.46 22.80
CA GLY A 128 -22.83 2.61 24.27
C GLY A 128 -23.09 1.28 24.95
N ASP A 129 -23.43 0.25 24.17
CA ASP A 129 -23.69 -1.13 24.66
C ASP A 129 -22.39 -1.94 24.62
N GLY A 130 -21.32 -1.36 24.05
CA GLY A 130 -19.97 -1.93 24.10
C GLY A 130 -19.32 -2.06 22.73
N TYR A 131 -17.99 -2.16 22.75
CA TYR A 131 -17.12 -2.30 21.56
C TYR A 131 -15.79 -2.93 21.99
N ARG A 132 -14.87 -3.15 21.05
CA ARG A 132 -13.54 -3.75 21.30
C ARG A 132 -12.49 -3.01 20.46
N LEU A 133 -11.38 -2.64 21.09
CA LEU A 133 -10.20 -2.05 20.41
C LEU A 133 -9.17 -3.15 20.26
N VAL A 134 -8.46 -3.17 19.14
CA VAL A 134 -7.47 -4.24 18.80
C VAL A 134 -6.27 -3.59 18.09
N ILE A 135 -5.07 -3.88 18.61
CA ILE A 135 -3.78 -3.52 17.98
C ILE A 135 -3.04 -4.83 17.75
N ASN A 136 -2.82 -5.18 16.48
CA ASN A 136 -2.07 -6.40 16.06
C ASN A 136 -0.61 -6.04 15.77
N ASP A 137 0.31 -6.92 16.15
CA ASP A 137 1.76 -6.74 15.92
C ASP A 137 2.33 -7.96 15.19
N GLY A 138 3.17 -7.73 14.18
CA GLY A 138 3.90 -8.77 13.46
C GLY A 138 2.96 -9.80 12.87
N LYS A 139 3.43 -11.05 12.77
CA LYS A 139 2.73 -12.12 12.01
C LYS A 139 1.86 -12.95 12.95
N LEU A 140 2.34 -13.27 14.16
CA LEU A 140 1.49 -14.01 15.15
C LEU A 140 0.32 -13.13 15.57
N GLY A 141 0.48 -11.80 15.51
CA GLY A 141 -0.60 -10.80 15.66
C GLY A 141 -1.52 -10.74 14.44
N ALA A 142 -1.06 -11.24 13.29
CA ALA A 142 -1.80 -11.26 12.01
C ALA A 142 -1.92 -9.84 11.45
N GLN A 143 -0.89 -9.02 11.60
CA GLN A 143 -0.85 -7.62 11.09
C GLN A 143 -0.64 -7.67 9.56
N SER A 144 -1.32 -6.80 8.80
CA SER A 144 -1.27 -6.75 7.32
C SER A 144 -0.68 -5.40 6.86
N VAL A 145 -1.30 -4.29 7.24
CA VAL A 145 -0.74 -2.92 6.99
C VAL A 145 0.26 -2.66 8.11
N TYR A 146 1.47 -2.19 7.77
CA TYR A 146 2.55 -1.95 8.77
C TYR A 146 2.65 -0.44 9.02
N HIS A 147 1.49 0.18 9.25
CA HIS A 147 1.28 1.53 9.84
C HIS A 147 0.53 1.28 11.16
N LEU A 148 0.93 1.94 12.25
CA LEU A 148 0.25 1.71 13.57
C LEU A 148 -1.21 2.14 13.46
N HIS A 149 -2.14 1.27 13.84
CA HIS A 149 -3.58 1.60 13.83
C HIS A 149 -4.31 0.85 14.95
N ILE A 150 -5.31 1.50 15.52
CA ILE A 150 -6.22 0.87 16.50
C ILE A 150 -7.49 0.50 15.75
N HIS A 151 -7.79 -0.79 15.64
CA HIS A 151 -9.11 -1.29 15.17
C HIS A 151 -10.15 -0.89 16.21
N VAL A 152 -11.34 -0.46 15.78
CA VAL A 152 -12.52 -0.26 16.67
C VAL A 152 -13.70 -1.04 16.07
N LEU A 153 -14.24 -2.02 16.81
CA LEU A 153 -15.34 -2.92 16.36
C LEU A 153 -16.52 -2.84 17.34
N GLY A 154 -17.75 -2.63 16.85
CA GLY A 154 -18.96 -2.76 17.69
C GLY A 154 -20.26 -2.81 16.90
N GLY A 155 -21.39 -2.75 17.63
CA GLY A 155 -22.73 -2.84 17.05
C GLY A 155 -23.16 -4.28 16.87
N ARG A 156 -22.30 -5.23 17.26
CA ARG A 156 -22.61 -6.67 17.42
C ARG A 156 -21.83 -7.19 18.63
N GLN A 157 -22.17 -8.40 19.10
CA GLN A 157 -21.52 -9.01 20.29
C GLN A 157 -20.23 -9.65 19.83
N LEU A 158 -19.09 -9.10 20.29
CA LEU A 158 -17.75 -9.70 20.07
C LEU A 158 -17.56 -10.82 21.09
N GLN A 159 -16.96 -11.93 20.66
CA GLN A 159 -16.86 -13.18 21.44
C GLN A 159 -15.47 -13.25 22.08
N TRP A 160 -15.16 -14.36 22.74
CA TRP A 160 -13.88 -14.65 23.43
C TRP A 160 -13.56 -16.13 23.24
N PRO A 161 -12.34 -16.49 22.76
CA PRO A 161 -11.21 -15.56 22.68
C PRO A 161 -11.35 -14.55 21.55
N PRO A 162 -10.53 -13.47 21.54
CA PRO A 162 -10.53 -12.51 20.44
C PRO A 162 -9.59 -12.98 19.31
N GLY A 163 -9.84 -14.19 18.78
CA GLY A 163 -8.99 -14.87 17.79
C GLY A 163 -8.04 -15.86 18.44
N ALA B 52 -0.46 -10.46 2.39
CA ALA B 52 0.08 -9.13 2.81
C ALA B 52 -0.12 -8.12 1.67
N PRO B 53 -1.11 -7.21 1.74
CA PRO B 53 -1.41 -6.29 0.64
C PRO B 53 -0.34 -5.20 0.41
N THR B 54 -0.43 -4.50 -0.71
CA THR B 54 0.50 -3.41 -1.11
C THR B 54 -0.29 -2.25 -1.70
N ILE B 55 0.38 -1.16 -2.07
CA ILE B 55 -0.22 -0.04 -2.87
C ILE B 55 -0.73 -0.64 -4.18
N PHE B 56 -0.01 -1.63 -4.71
CA PHE B 56 -0.26 -2.22 -6.04
C PHE B 56 -1.49 -3.13 -6.01
N SER B 57 -1.89 -3.60 -4.82
CA SER B 57 -3.18 -4.31 -4.66
C SER B 57 -4.30 -3.30 -4.94
N ARG B 58 -4.13 -2.05 -4.49
CA ARG B 58 -5.12 -0.96 -4.62
C ARG B 58 -5.23 -0.50 -6.07
N ILE B 59 -4.09 -0.43 -6.75
CA ILE B 59 -4.04 -0.03 -8.19
C ILE B 59 -4.64 -1.15 -9.04
N LEU B 60 -4.36 -2.40 -8.68
CA LEU B 60 -4.91 -3.59 -9.38
C LEU B 60 -6.43 -3.61 -9.25
N ASP B 61 -6.95 -3.66 -8.02
CA ASP B 61 -8.38 -3.91 -7.67
C ASP B 61 -9.24 -2.67 -7.94
N LYS B 62 -8.60 -1.55 -8.27
CA LYS B 62 -9.21 -0.33 -8.90
C LYS B 62 -9.53 0.71 -7.85
N SER B 63 -9.53 0.35 -6.55
CA SER B 63 -9.79 1.28 -5.42
C SER B 63 -8.82 2.49 -5.47
N LEU B 64 -7.60 2.31 -5.97
CA LEU B 64 -6.60 3.42 -6.11
C LEU B 64 -6.48 3.84 -7.58
N PRO B 65 -7.01 5.02 -7.95
CA PRO B 65 -6.80 5.57 -9.30
C PRO B 65 -5.33 5.61 -9.74
N ALA B 66 -5.05 5.10 -10.94
CA ALA B 66 -3.72 5.17 -11.61
C ALA B 66 -3.94 5.29 -13.12
N ASP B 67 -2.96 5.85 -13.83
CA ASP B 67 -2.95 5.94 -15.32
C ASP B 67 -2.56 4.57 -15.90
N ILE B 68 -3.54 3.80 -16.39
CA ILE B 68 -3.37 2.38 -16.81
C ILE B 68 -3.33 2.30 -18.34
N LEU B 69 -2.20 1.85 -18.89
CA LEU B 69 -1.87 1.84 -20.34
C LEU B 69 -2.20 0.48 -20.96
N TYR B 70 -2.13 -0.60 -20.18
CA TYR B 70 -2.26 -2.00 -20.69
C TYR B 70 -2.60 -2.96 -19.55
N GLU B 71 -3.33 -4.03 -19.86
CA GLU B 71 -3.73 -5.12 -18.93
C GLU B 71 -3.99 -6.40 -19.73
N ASP B 72 -3.48 -7.54 -19.24
CA ASP B 72 -3.79 -8.91 -19.72
C ASP B 72 -3.90 -9.81 -18.49
N GLN B 73 -4.09 -11.13 -18.66
CA GLN B 73 -4.37 -12.07 -17.55
C GLN B 73 -3.11 -12.31 -16.69
N GLN B 74 -1.93 -11.88 -17.17
CA GLN B 74 -0.62 -12.15 -16.50
C GLN B 74 -0.13 -10.91 -15.74
N CYS B 75 -0.47 -9.69 -16.17
CA CYS B 75 0.20 -8.45 -15.68
C CYS B 75 -0.69 -7.20 -15.76
N LEU B 76 -0.22 -6.11 -15.16
CA LEU B 76 -0.77 -4.74 -15.29
C LEU B 76 0.36 -3.79 -15.64
N VAL B 77 0.02 -2.70 -16.34
CA VAL B 77 0.96 -1.66 -16.87
C VAL B 77 0.36 -0.28 -16.60
N PHE B 78 0.99 0.54 -15.75
CA PHE B 78 0.45 1.87 -15.36
C PHE B 78 1.58 2.87 -15.08
N ARG B 79 1.28 4.16 -15.21
CA ARG B 79 2.27 5.25 -15.07
C ARG B 79 2.68 5.36 -13.60
N ASP B 80 3.85 5.92 -13.37
CA ASP B 80 4.36 6.25 -12.01
C ASP B 80 3.89 7.66 -11.64
N VAL B 81 3.41 7.84 -10.41
CA VAL B 81 2.94 9.15 -9.85
C VAL B 81 4.13 10.07 -9.62
N ALA B 82 5.31 9.51 -9.34
CA ALA B 82 6.56 10.27 -9.16
C ALA B 82 7.47 10.02 -10.36
N PRO B 83 7.09 10.47 -11.59
CA PRO B 83 7.85 10.17 -12.80
C PRO B 83 9.28 10.71 -12.74
N GLN B 84 10.27 9.82 -12.83
CA GLN B 84 11.72 10.13 -12.82
C GLN B 84 12.22 10.34 -14.25
N ALA B 85 11.31 10.25 -15.22
CA ALA B 85 11.56 10.51 -16.66
C ALA B 85 10.24 10.91 -17.30
N PRO B 86 10.27 11.78 -18.33
CA PRO B 86 9.03 12.21 -19.01
C PRO B 86 8.02 11.09 -19.26
N VAL B 87 8.48 9.90 -19.65
CA VAL B 87 7.65 8.66 -19.75
C VAL B 87 8.16 7.71 -18.66
N HIS B 88 7.39 7.48 -17.59
CA HIS B 88 7.77 6.55 -16.49
C HIS B 88 6.53 5.72 -16.12
N PHE B 89 6.49 4.45 -16.53
CA PHE B 89 5.38 3.52 -16.22
C PHE B 89 5.94 2.25 -15.59
N LEU B 90 5.06 1.45 -14.99
CA LEU B 90 5.44 0.23 -14.23
C LEU B 90 4.75 -0.99 -14.86
N VAL B 91 5.52 -2.05 -15.08
CA VAL B 91 5.02 -3.36 -15.56
C VAL B 91 5.03 -4.31 -14.38
N ILE B 92 3.85 -4.60 -13.83
CA ILE B 92 3.69 -5.46 -12.62
C ILE B 92 2.92 -6.71 -13.01
N PRO B 93 3.26 -7.88 -12.45
CA PRO B 93 2.45 -9.09 -12.61
C PRO B 93 1.14 -9.01 -11.80
N LYS B 94 0.18 -9.87 -12.12
CA LYS B 94 -1.04 -10.05 -11.31
C LYS B 94 -0.69 -10.97 -10.13
N LYS B 95 0.22 -11.91 -10.36
CA LYS B 95 0.77 -12.79 -9.29
C LYS B 95 1.60 -11.93 -8.35
N PRO B 96 1.26 -11.89 -7.04
CA PRO B 96 1.91 -11.00 -6.09
C PRO B 96 3.29 -11.43 -5.58
N ILE B 97 4.24 -11.68 -6.48
CA ILE B 97 5.66 -11.96 -6.12
C ILE B 97 6.22 -10.69 -5.47
N PRO B 98 6.81 -10.74 -4.25
CA PRO B 98 7.25 -9.52 -3.57
C PRO B 98 8.43 -8.81 -4.24
N ARG B 99 9.51 -9.53 -4.50
CA ARG B 99 10.74 -8.98 -5.13
C ARG B 99 11.20 -9.98 -6.21
N ILE B 100 12.17 -9.59 -7.01
CA ILE B 100 12.72 -10.46 -8.08
C ILE B 100 13.54 -11.60 -7.46
N SER B 101 14.06 -11.41 -6.24
CA SER B 101 14.89 -12.42 -5.54
C SER B 101 14.01 -13.57 -5.01
N GLN B 102 12.70 -13.36 -4.86
CA GLN B 102 11.73 -14.39 -4.37
C GLN B 102 10.95 -14.99 -5.55
N ALA B 103 11.43 -14.85 -6.78
CA ALA B 103 10.85 -15.51 -7.99
C ALA B 103 11.52 -16.87 -8.19
N GLU B 104 10.81 -17.82 -8.81
CA GLU B 104 11.29 -19.21 -9.02
C GLU B 104 11.12 -19.59 -10.50
N GLU B 105 11.62 -20.78 -10.89
CA GLU B 105 11.58 -21.32 -12.29
C GLU B 105 10.14 -21.36 -12.81
N GLU B 106 9.16 -21.45 -11.91
CA GLU B 106 7.71 -21.50 -12.21
C GLU B 106 7.27 -20.19 -12.85
N ASP B 107 7.98 -19.10 -12.55
CA ASP B 107 7.66 -17.72 -13.01
C ASP B 107 8.46 -17.39 -14.28
N GLN B 108 9.23 -18.35 -14.83
CA GLN B 108 10.16 -18.12 -15.96
C GLN B 108 9.40 -17.43 -17.11
N GLN B 109 8.44 -18.13 -17.71
CA GLN B 109 7.67 -17.66 -18.89
C GLN B 109 6.98 -16.33 -18.56
N LEU B 110 6.59 -16.12 -17.29
CA LEU B 110 5.86 -14.91 -16.82
C LEU B 110 6.79 -13.70 -16.79
N LEU B 111 8.07 -13.88 -16.41
CA LEU B 111 9.05 -12.78 -16.27
C LEU B 111 9.43 -12.26 -17.66
N GLY B 112 9.76 -13.17 -18.58
CA GLY B 112 10.00 -12.85 -20.00
C GLY B 112 8.83 -12.09 -20.60
N HIS B 113 7.60 -12.53 -20.32
CA HIS B 113 6.35 -11.86 -20.78
C HIS B 113 6.30 -10.43 -20.25
N LEU B 114 6.68 -10.22 -18.97
CA LEU B 114 6.72 -8.88 -18.34
C LEU B 114 7.73 -8.01 -19.09
N LEU B 115 8.86 -8.61 -19.50
CA LEU B 115 9.90 -7.89 -20.27
C LEU B 115 9.36 -7.54 -21.65
N LEU B 116 8.74 -8.51 -22.34
CA LEU B 116 8.18 -8.32 -23.71
C LEU B 116 7.09 -7.25 -23.68
N VAL B 117 6.22 -7.27 -22.67
CA VAL B 117 5.11 -6.28 -22.51
C VAL B 117 5.72 -4.89 -22.28
N ALA B 118 6.82 -4.79 -21.54
CA ALA B 118 7.53 -3.52 -21.24
C ALA B 118 8.06 -2.88 -22.52
N LYS B 119 8.67 -3.65 -23.42
CA LYS B 119 9.31 -3.13 -24.66
C LYS B 119 8.23 -2.82 -25.71
N GLN B 120 7.14 -3.59 -25.74
CA GLN B 120 5.93 -3.37 -26.58
C GLN B 120 5.28 -2.04 -26.18
N THR B 121 5.16 -1.85 -24.87
CA THR B 121 4.58 -0.63 -24.23
C THR B 121 5.54 0.54 -24.47
N ALA B 122 6.85 0.28 -24.54
CA ALA B 122 7.89 1.30 -24.83
C ALA B 122 7.68 1.83 -26.25
N LYS B 123 7.34 0.95 -27.19
N LYS B 123 7.35 0.94 -27.19
CA LYS B 123 7.13 1.25 -28.62
CA LYS B 123 7.14 1.26 -28.63
C LYS B 123 5.86 2.11 -28.77
C LYS B 123 5.87 2.11 -28.77
N ALA B 124 4.75 1.63 -28.21
CA ALA B 124 3.43 2.29 -28.28
C ALA B 124 3.54 3.75 -27.82
N GLU B 125 4.35 4.01 -26.79
CA GLU B 125 4.57 5.34 -26.17
C GLU B 125 5.69 6.10 -26.91
N GLY B 126 6.14 5.61 -28.06
CA GLY B 126 7.09 6.31 -28.94
C GLY B 126 8.42 6.55 -28.26
N LEU B 127 9.08 5.47 -27.79
CA LEU B 127 10.46 5.49 -27.25
C LEU B 127 11.36 4.73 -28.22
N GLY B 128 11.72 5.42 -29.32
CA GLY B 128 12.50 4.88 -30.43
C GLY B 128 13.94 5.34 -30.38
N ASP B 129 14.28 6.33 -29.57
CA ASP B 129 15.71 6.72 -29.47
C ASP B 129 16.28 6.21 -28.16
N GLY B 130 15.57 5.28 -27.51
CA GLY B 130 16.06 4.54 -26.32
C GLY B 130 15.22 4.77 -25.07
N TYR B 131 15.37 3.84 -24.13
CA TYR B 131 14.73 3.83 -22.80
C TYR B 131 15.56 2.93 -21.88
N ARG B 132 15.15 2.80 -20.62
CA ARG B 132 15.85 1.97 -19.61
C ARG B 132 14.81 1.20 -18.79
N LEU B 133 15.01 -0.11 -18.61
CA LEU B 133 14.21 -0.97 -17.71
C LEU B 133 15.01 -1.15 -16.43
N VAL B 134 14.36 -1.12 -15.28
CA VAL B 134 15.01 -1.19 -13.94
C VAL B 134 14.15 -2.06 -13.03
N ILE B 135 14.79 -3.06 -12.39
CA ILE B 135 14.20 -3.84 -11.27
C ILE B 135 15.05 -3.56 -10.03
N ASN B 136 14.42 -2.96 -9.02
CA ASN B 136 14.99 -2.74 -7.66
C ASN B 136 14.63 -3.91 -6.73
N ASP B 137 15.61 -4.41 -5.98
CA ASP B 137 15.43 -5.50 -4.99
C ASP B 137 15.91 -5.01 -3.62
N GLY B 138 15.11 -5.30 -2.58
CA GLY B 138 15.45 -5.03 -1.17
C GLY B 138 15.81 -3.58 -0.92
N LYS B 139 16.71 -3.35 0.04
CA LYS B 139 17.02 -2.03 0.65
C LYS B 139 18.14 -1.35 -0.15
N LEU B 140 19.22 -2.06 -0.45
CA LEU B 140 20.37 -1.50 -1.19
C LEU B 140 19.95 -1.24 -2.65
N GLY B 141 18.93 -1.97 -3.15
CA GLY B 141 18.25 -1.73 -4.43
C GLY B 141 17.36 -0.50 -4.37
N ALA B 142 16.97 -0.08 -3.16
CA ALA B 142 16.09 1.07 -2.87
C ALA B 142 14.66 0.75 -3.32
N GLN B 143 14.22 -0.49 -3.12
CA GLN B 143 12.83 -0.94 -3.42
C GLN B 143 11.89 -0.35 -2.34
N SER B 144 10.72 0.13 -2.76
CA SER B 144 9.72 0.80 -1.91
C SER B 144 8.44 -0.05 -1.85
N VAL B 145 7.82 -0.30 -3.00
CA VAL B 145 6.64 -1.20 -3.09
C VAL B 145 7.20 -2.61 -3.22
N TYR B 146 6.66 -3.57 -2.46
CA TYR B 146 7.17 -4.97 -2.45
C TYR B 146 6.22 -5.86 -3.25
N HIS B 147 5.87 -5.40 -4.46
CA HIS B 147 5.29 -6.20 -5.58
C HIS B 147 6.32 -6.21 -6.70
N LEU B 148 6.57 -7.33 -7.39
CA LEU B 148 7.58 -7.37 -8.47
C LEU B 148 7.17 -6.38 -9.57
N HIS B 149 8.07 -5.47 -9.96
CA HIS B 149 7.76 -4.52 -11.05
C HIS B 149 9.01 -4.20 -11.86
N ILE B 150 8.82 -4.13 -13.18
CA ILE B 150 9.81 -3.53 -14.12
C ILE B 150 9.44 -2.06 -14.32
N HIS B 151 10.31 -1.16 -13.85
CA HIS B 151 10.24 0.28 -14.18
C HIS B 151 10.58 0.42 -15.65
N VAL B 152 9.89 1.30 -16.37
CA VAL B 152 10.24 1.69 -17.77
C VAL B 152 10.37 3.22 -17.82
N LEU B 153 11.55 3.73 -18.18
CA LEU B 153 11.90 5.18 -18.19
C LEU B 153 12.42 5.58 -19.59
N GLY B 154 11.86 6.63 -20.20
CA GLY B 154 12.40 7.21 -21.44
C GLY B 154 11.92 8.63 -21.71
N GLY B 155 12.23 9.16 -22.90
CA GLY B 155 11.85 10.51 -23.32
C GLY B 155 12.83 11.55 -22.83
N ARG B 156 13.85 11.13 -22.08
CA ARG B 156 15.07 11.92 -21.76
C ARG B 156 16.30 11.01 -21.85
N GLN B 157 17.48 11.59 -21.85
CA GLN B 157 18.77 10.88 -21.79
C GLN B 157 18.97 10.41 -20.35
N LEU B 158 18.98 9.09 -20.14
CA LEU B 158 19.37 8.45 -18.86
C LEU B 158 20.90 8.46 -18.77
N GLN B 159 21.45 8.76 -17.59
CA GLN B 159 22.92 8.89 -17.39
C GLN B 159 23.45 7.57 -16.82
N TRP B 160 24.75 7.56 -16.53
CA TRP B 160 25.53 6.39 -16.03
C TRP B 160 26.55 6.90 -15.02
N PRO B 161 26.65 6.34 -13.81
CA PRO B 161 25.93 5.13 -13.42
C PRO B 161 24.42 5.33 -13.24
N PRO B 162 23.63 4.23 -13.21
CA PRO B 162 22.20 4.32 -13.02
C PRO B 162 21.82 4.37 -11.53
N GLY B 163 22.36 5.36 -10.80
CA GLY B 163 22.24 5.48 -9.33
C GLY B 163 23.44 4.86 -8.62
#